data_6I0S
#
_entry.id   6I0S
#
_cell.length_a   61.183
_cell.length_b   61.183
_cell.length_c   167.380
_cell.angle_alpha   90.00
_cell.angle_beta   90.00
_cell.angle_gamma   120.00
#
_symmetry.space_group_name_H-M   'P 31 2 1'
#
loop_
_entity.id
_entity.type
_entity.pdbx_description
1 polymer 'Terminal uridylyltransferase Tailor'
2 non-polymer "5'-O-[(S)-hydroxy{[(S)-hydroxy(phosphonooxy)phosphoryl]amino}phosphoryl]uridine"
3 non-polymer 'MAGNESIUM ION'
4 water water
#
_entity_poly.entity_id   1
_entity_poly.type   'polypeptide(L)'
_entity_poly.pdbx_seq_one_letter_code
;SNAPVQPHPTHQTKQEKKQAQVKARQHITVRLPKKARAMIVGEITNVFKDKYPIADKLKVIPEYDVIEQDLCKLLSPGFP
KQPLRVYKFGSRITGIGNRSSDLDLFVDIGNTFHTFEHRASNATVAKLRAMRKFFCDSEDWRLINFIEQARVPIIKTCHL
PTGIECDICLNSMGFCNTNLLKYIFESQPLTQYMCIYVKNWLERCKLTEQISTYSITLMVIYFLQLQALLPPIAMLQIED
AANQAVLVGPWVVNFAQKSFSELGLQQLKATVPVIKGFLRNFFAYFAKFDYEHFLVCPYIGQANVEIAKIERMLHARYSA
YVSDNPECSIQLKKPMVVQDPIQLNHNVTKAVTKYGLQTFVDYCQQTAELLEEPSTNWRQRYAF
;
_entity_poly.pdbx_strand_id   A
#
# COMPACT_ATOMS: atom_id res chain seq x y z
N GLN A 26 16.88 25.55 0.77
CA GLN A 26 17.29 24.19 0.43
C GLN A 26 18.53 23.75 1.21
N HIS A 27 19.28 24.72 1.73
CA HIS A 27 20.45 24.46 2.56
C HIS A 27 20.09 24.20 4.02
N ILE A 28 18.81 24.31 4.39
CA ILE A 28 18.36 24.16 5.77
C ILE A 28 17.51 22.91 5.87
N THR A 29 17.80 22.08 6.87
CA THR A 29 16.98 20.90 7.11
C THR A 29 15.60 21.32 7.59
N VAL A 30 14.57 20.60 7.12
CA VAL A 30 13.24 20.82 7.65
C VAL A 30 13.17 20.18 9.02
N ARG A 31 12.87 20.99 10.04
CA ARG A 31 12.89 20.50 11.41
C ARG A 31 11.79 19.46 11.63
N LEU A 32 12.14 18.37 12.28
CA LEU A 32 11.18 17.32 12.56
C LEU A 32 10.03 17.88 13.41
N PRO A 33 8.79 17.70 12.99
CA PRO A 33 7.68 18.26 13.77
C PRO A 33 7.64 17.72 15.19
N LYS A 34 7.27 18.60 16.12
CA LYS A 34 7.24 18.24 17.53
C LYS A 34 6.35 17.06 17.83
N LYS A 35 5.22 16.95 17.11
CA LYS A 35 4.32 15.84 17.35
C LYS A 35 5.00 14.51 17.02
N ALA A 36 5.83 14.49 15.98
CA ALA A 36 6.60 13.28 15.69
C ALA A 36 7.71 13.08 16.71
N ARG A 37 8.45 14.15 17.01
CA ARG A 37 9.55 14.05 17.96
C ARG A 37 9.08 13.44 19.28
N ALA A 38 7.91 13.85 19.77
CA ALA A 38 7.42 13.33 21.04
C ALA A 38 7.16 11.83 20.98
N MET A 39 6.75 11.32 19.81
CA MET A 39 6.49 9.90 19.65
C MET A 39 7.79 9.12 19.56
N ILE A 40 8.82 9.70 18.94
CA ILE A 40 10.06 8.97 18.74
C ILE A 40 10.82 8.84 20.05
N VAL A 41 10.97 9.95 20.78
CA VAL A 41 11.73 9.92 22.03
C VAL A 41 10.95 9.14 23.09
N GLY A 42 9.63 9.14 23.00
CA GLY A 42 8.84 8.24 23.83
C GLY A 42 9.07 6.80 23.43
N GLU A 43 8.86 5.89 24.38
CA GLU A 43 9.09 4.48 24.14
C GLU A 43 8.20 3.99 23.00
N ILE A 44 8.73 3.05 22.23
CA ILE A 44 8.03 2.49 21.04
C ILE A 44 7.10 1.40 21.56
N THR A 45 7.00 1.28 22.88
CA THR A 45 6.23 0.21 23.49
C THR A 45 4.74 0.29 23.13
N ASN A 46 4.25 1.46 22.73
CA ASN A 46 2.84 1.58 22.35
C ASN A 46 2.49 0.58 21.25
N VAL A 47 3.23 0.63 20.13
CA VAL A 47 2.96 -0.24 19.00
C VAL A 47 3.03 -1.70 19.43
N PHE A 48 4.08 -2.08 20.16
CA PHE A 48 4.25 -3.48 20.54
C PHE A 48 3.11 -3.96 21.44
N LYS A 49 2.60 -3.09 22.31
CA LYS A 49 1.63 -3.50 23.33
C LYS A 49 0.20 -3.11 23.03
N ASP A 50 -0.04 -1.97 22.39
CA ASP A 50 -1.40 -1.44 22.23
C ASP A 50 -1.85 -1.35 20.78
N LYS A 51 -1.08 -0.69 19.91
CA LYS A 51 -1.55 -0.50 18.54
C LYS A 51 -1.50 -1.79 17.74
N TYR A 52 -0.53 -2.67 18.00
CA TYR A 52 -0.48 -3.93 17.26
C TYR A 52 -1.70 -4.80 17.57
N PRO A 53 -2.04 -5.10 18.82
CA PRO A 53 -3.25 -5.91 19.06
C PRO A 53 -4.48 -5.34 18.39
N ILE A 54 -4.67 -4.01 18.46
CA ILE A 54 -5.79 -3.38 17.79
C ILE A 54 -5.73 -3.62 16.28
N ALA A 55 -4.55 -3.41 15.70
CA ALA A 55 -4.40 -3.57 14.25
C ALA A 55 -4.69 -5.00 13.84
N ASP A 56 -4.27 -5.98 14.64
CA ASP A 56 -4.46 -7.37 14.27
C ASP A 56 -5.92 -7.77 14.39
N LYS A 57 -6.62 -7.29 15.42
CA LYS A 57 -8.05 -7.55 15.54
C LYS A 57 -8.82 -7.01 14.34
N LEU A 58 -8.43 -5.83 13.86
CA LEU A 58 -9.20 -5.18 12.79
C LEU A 58 -9.06 -5.89 11.45
N LYS A 59 -8.20 -6.92 11.35
CA LYS A 59 -8.15 -7.70 10.12
C LYS A 59 -9.49 -8.37 9.83
N VAL A 60 -10.24 -8.72 10.87
CA VAL A 60 -11.55 -9.36 10.72
C VAL A 60 -12.47 -8.93 11.84
N ILE A 61 -13.55 -8.20 11.52
CA ILE A 61 -14.59 -7.93 12.50
C ILE A 61 -15.96 -8.10 11.87
N PRO A 62 -16.98 -8.40 12.67
CA PRO A 62 -18.31 -8.64 12.12
C PRO A 62 -18.86 -7.47 11.33
N GLU A 63 -18.51 -6.24 11.72
CA GLU A 63 -19.01 -5.07 11.01
C GLU A 63 -18.71 -5.12 9.52
N TYR A 64 -17.61 -5.74 9.10
CA TYR A 64 -17.30 -5.79 7.68
C TYR A 64 -18.32 -6.65 6.93
N ASP A 65 -18.76 -7.76 7.54
CA ASP A 65 -19.79 -8.58 6.92
C ASP A 65 -21.03 -7.75 6.62
N VAL A 66 -21.45 -6.95 7.60
CA VAL A 66 -22.64 -6.10 7.45
C VAL A 66 -22.47 -5.14 6.29
N ILE A 67 -21.30 -4.49 6.20
CA ILE A 67 -21.03 -3.55 5.13
C ILE A 67 -21.10 -4.24 3.76
N GLU A 68 -20.46 -5.40 3.63
CA GLU A 68 -20.49 -6.10 2.34
C GLU A 68 -21.91 -6.50 1.97
N GLN A 69 -22.66 -7.02 2.95
CA GLN A 69 -24.06 -7.36 2.70
C GLN A 69 -24.85 -6.14 2.26
N ASP A 70 -24.72 -5.03 3.00
CA ASP A 70 -25.50 -3.84 2.68
C ASP A 70 -25.11 -3.29 1.31
N LEU A 71 -23.82 -3.35 0.97
CA LEU A 71 -23.39 -2.92 -0.36
C LEU A 71 -24.06 -3.75 -1.44
N CYS A 72 -24.12 -5.07 -1.24
CA CYS A 72 -24.80 -5.94 -2.22
C CYS A 72 -26.28 -5.64 -2.29
N LYS A 73 -26.91 -5.42 -1.15
CA LYS A 73 -28.35 -5.12 -1.08
C LYS A 73 -28.61 -3.81 -1.79
N LEU A 74 -27.73 -2.84 -1.63
CA LEU A 74 -27.94 -1.52 -2.19
C LEU A 74 -27.79 -1.53 -3.71
N LEU A 75 -26.77 -2.23 -4.21
CA LEU A 75 -26.34 -2.06 -5.59
C LEU A 75 -26.91 -3.08 -6.56
N SER A 76 -27.25 -4.28 -6.11
CA SER A 76 -27.66 -5.31 -7.05
C SER A 76 -29.01 -4.98 -7.70
N PRO A 77 -29.91 -4.26 -7.04
CA PRO A 77 -31.10 -3.76 -7.76
C PRO A 77 -30.74 -2.90 -8.97
N GLY A 78 -29.72 -2.05 -8.84
CA GLY A 78 -29.30 -1.20 -9.94
C GLY A 78 -28.60 -1.92 -11.07
N PHE A 79 -28.17 -3.17 -10.84
CA PHE A 79 -27.51 -3.98 -11.87
C PHE A 79 -28.07 -5.39 -11.76
N PRO A 80 -29.35 -5.57 -12.06
CA PRO A 80 -30.02 -6.83 -11.67
C PRO A 80 -29.42 -8.08 -12.31
N LYS A 81 -29.15 -8.05 -13.62
CA LYS A 81 -28.69 -9.23 -14.32
C LYS A 81 -27.17 -9.31 -14.42
N GLN A 82 -26.46 -8.65 -13.50
CA GLN A 82 -25.01 -8.58 -13.57
C GLN A 82 -24.35 -9.27 -12.38
N PRO A 83 -23.27 -10.02 -12.60
CA PRO A 83 -22.49 -10.52 -11.47
C PRO A 83 -22.02 -9.37 -10.60
N LEU A 84 -21.90 -9.63 -9.31
CA LEU A 84 -21.48 -8.60 -8.36
C LEU A 84 -20.79 -9.28 -7.17
N ARG A 85 -19.59 -8.80 -6.86
CA ARG A 85 -18.85 -9.27 -5.71
C ARG A 85 -18.09 -8.11 -5.08
N VAL A 86 -18.00 -8.14 -3.75
CA VAL A 86 -17.33 -7.11 -2.97
C VAL A 86 -16.08 -7.72 -2.37
N TYR A 87 -14.97 -6.96 -2.45
CA TYR A 87 -13.69 -7.36 -1.89
C TYR A 87 -13.21 -6.29 -0.92
N LYS A 88 -12.80 -6.72 0.27
CA LYS A 88 -12.20 -5.83 1.26
C LYS A 88 -10.69 -5.79 1.06
N PHE A 89 -10.09 -4.61 1.20
CA PHE A 89 -8.63 -4.50 1.10
C PHE A 89 -8.18 -3.27 1.89
N GLY A 90 -6.88 -3.00 1.84
CA GLY A 90 -6.34 -1.83 2.52
C GLY A 90 -5.80 -2.14 3.91
N SER A 91 -5.48 -1.07 4.63
CA SER A 91 -4.72 -1.20 5.87
C SER A 91 -5.44 -2.02 6.92
N ARG A 92 -6.77 -1.89 7.02
CA ARG A 92 -7.53 -2.69 7.98
C ARG A 92 -7.31 -4.18 7.75
N ILE A 93 -7.34 -4.59 6.49
CA ILE A 93 -7.34 -6.01 6.12
C ILE A 93 -5.95 -6.61 6.24
N THR A 94 -4.90 -5.84 5.99
CA THR A 94 -3.55 -6.35 6.13
C THR A 94 -3.07 -6.38 7.58
N GLY A 95 -3.64 -5.55 8.45
CA GLY A 95 -3.24 -5.56 9.84
C GLY A 95 -2.41 -4.37 10.31
N ILE A 96 -2.53 -3.22 9.66
CA ILE A 96 -1.80 -2.04 10.12
C ILE A 96 -2.77 -0.89 10.32
N GLY A 97 -4.06 -1.21 10.43
CA GLY A 97 -5.08 -0.20 10.59
C GLY A 97 -5.31 0.17 12.04
N ASN A 98 -6.20 1.14 12.23
CA ASN A 98 -6.64 1.53 13.55
C ASN A 98 -8.12 1.88 13.50
N ARG A 99 -8.68 2.15 14.68
CA ARG A 99 -10.07 2.49 14.88
C ARG A 99 -10.61 3.45 13.83
N SER A 100 -9.82 4.47 13.51
CA SER A 100 -10.24 5.56 12.65
C SER A 100 -9.96 5.31 11.17
N SER A 101 -9.36 4.19 10.83
CA SER A 101 -9.09 3.89 9.43
C SER A 101 -10.38 3.73 8.64
N ASP A 102 -10.34 4.20 7.40
CA ASP A 102 -11.38 3.85 6.44
C ASP A 102 -11.29 2.37 6.10
N LEU A 103 -12.39 1.83 5.57
CA LEU A 103 -12.44 0.48 5.01
C LEU A 103 -12.48 0.61 3.50
N ASP A 104 -11.53 -0.02 2.82
CA ASP A 104 -11.42 0.08 1.36
C ASP A 104 -12.10 -1.12 0.74
N LEU A 105 -13.00 -0.86 -0.20
CA LEU A 105 -13.80 -1.90 -0.84
C LEU A 105 -13.71 -1.76 -2.35
N PHE A 106 -13.50 -2.89 -3.02
CA PHE A 106 -13.57 -2.97 -4.47
C PHE A 106 -14.88 -3.68 -4.81
N VAL A 107 -15.75 -3.00 -5.54
CA VAL A 107 -17.02 -3.57 -5.97
C VAL A 107 -16.86 -3.96 -7.43
N ASP A 108 -16.87 -5.27 -7.68
CA ASP A 108 -16.76 -5.81 -9.04
C ASP A 108 -18.16 -6.06 -9.59
N ILE A 109 -18.59 -5.22 -10.52
CA ILE A 109 -19.84 -5.43 -11.25
C ILE A 109 -19.48 -5.84 -12.67
N GLY A 110 -19.96 -7.02 -13.08
CA GLY A 110 -19.70 -7.50 -14.43
C GLY A 110 -18.42 -8.26 -14.63
N ASN A 111 -17.82 -8.76 -13.56
CA ASN A 111 -16.58 -9.55 -13.64
C ASN A 111 -15.47 -8.78 -14.36
N THR A 112 -15.18 -7.58 -13.84
CA THR A 112 -14.07 -6.78 -14.36
C THR A 112 -12.76 -7.06 -13.64
N PHE A 113 -12.74 -8.02 -12.70
CA PHE A 113 -11.59 -8.23 -11.83
C PHE A 113 -10.29 -8.28 -12.62
N HIS A 114 -10.25 -9.07 -13.68
CA HIS A 114 -9.01 -9.34 -14.40
C HIS A 114 -8.71 -8.31 -15.48
N THR A 115 -9.53 -7.27 -15.62
CA THR A 115 -9.31 -6.21 -16.59
C THR A 115 -8.49 -5.11 -15.93
N PHE A 116 -7.42 -4.69 -16.62
CA PHE A 116 -6.56 -3.61 -16.15
C PHE A 116 -6.79 -2.38 -17.03
N GLU A 117 -7.03 -1.25 -16.37
CA GLU A 117 -7.16 0.04 -17.05
C GLU A 117 -5.97 0.89 -16.62
N HIS A 118 -5.10 1.20 -17.58
CA HIS A 118 -3.95 2.06 -17.32
C HIS A 118 -4.39 3.36 -16.68
N ARG A 119 -5.50 3.92 -17.15
CA ARG A 119 -6.11 5.10 -16.57
C ARG A 119 -7.60 4.82 -16.42
N ALA A 120 -8.21 5.43 -15.41
CA ALA A 120 -9.63 5.20 -15.15
C ALA A 120 -10.46 5.57 -16.37
N SER A 121 -11.05 4.56 -17.02
CA SER A 121 -11.82 4.80 -18.23
C SER A 121 -13.09 5.60 -17.93
N ASN A 122 -13.51 6.39 -18.92
CA ASN A 122 -14.74 7.16 -18.74
C ASN A 122 -15.92 6.25 -18.44
N ALA A 123 -15.94 5.03 -18.99
CA ALA A 123 -16.97 4.06 -18.63
C ALA A 123 -16.88 3.74 -17.14
N THR A 124 -15.68 3.50 -16.63
CA THR A 124 -15.50 3.23 -15.21
C THR A 124 -16.01 4.40 -14.38
N VAL A 125 -15.61 5.63 -14.73
CA VAL A 125 -16.14 6.81 -14.06
C VAL A 125 -17.66 6.83 -14.15
N ALA A 126 -18.20 6.54 -15.34
CA ALA A 126 -19.66 6.50 -15.49
C ALA A 126 -20.28 5.51 -14.53
N LYS A 127 -19.70 4.32 -14.42
CA LYS A 127 -20.18 3.32 -13.49
C LYS A 127 -20.19 3.87 -12.07
N LEU A 128 -19.11 4.52 -11.66
CA LEU A 128 -19.05 5.09 -10.31
C LEU A 128 -20.09 6.17 -10.12
N ARG A 129 -20.30 7.03 -11.12
CA ARG A 129 -21.32 8.06 -11.03
C ARG A 129 -22.70 7.45 -10.82
N ALA A 130 -23.01 6.38 -11.57
CA ALA A 130 -24.28 5.69 -11.38
C ALA A 130 -24.41 5.15 -9.96
N MET A 131 -23.30 4.67 -9.39
CA MET A 131 -23.33 4.13 -8.03
C MET A 131 -23.53 5.24 -7.01
N ARG A 132 -23.05 6.45 -7.29
CA ARG A 132 -23.19 7.54 -6.33
C ARG A 132 -24.66 7.77 -5.98
N LYS A 133 -25.54 7.71 -6.97
CA LYS A 133 -26.95 8.00 -6.74
C LYS A 133 -27.53 7.10 -5.65
N PHE A 134 -27.17 5.82 -5.65
CA PHE A 134 -27.73 4.90 -4.67
C PHE A 134 -27.32 5.28 -3.26
N PHE A 135 -26.12 5.79 -3.07
CA PHE A 135 -25.68 6.18 -1.73
C PHE A 135 -26.39 7.43 -1.25
N CYS A 136 -26.77 8.33 -2.17
CA CYS A 136 -27.50 9.52 -1.76
C CYS A 136 -28.94 9.19 -1.36
N ASP A 137 -29.57 8.26 -2.09
CA ASP A 137 -30.97 7.95 -1.84
C ASP A 137 -31.16 6.95 -0.72
N SER A 138 -30.14 6.20 -0.34
CA SER A 138 -30.30 5.20 0.71
C SER A 138 -30.29 5.85 2.09
N GLU A 139 -30.88 5.12 3.04
CA GLU A 139 -30.94 5.57 4.43
C GLU A 139 -29.75 5.12 5.25
N ASP A 140 -29.14 3.99 4.90
CA ASP A 140 -28.03 3.44 5.66
C ASP A 140 -26.67 4.02 5.27
N TRP A 141 -26.64 4.93 4.30
CA TRP A 141 -25.36 5.48 3.84
C TRP A 141 -25.42 7.01 3.78
N ARG A 142 -24.28 7.66 3.97
CA ARG A 142 -24.14 9.12 3.85
C ARG A 142 -23.03 9.33 2.83
N LEU A 143 -23.26 10.04 1.72
CA LEU A 143 -22.20 10.29 0.74
C LEU A 143 -21.31 11.37 1.35
N ILE A 144 -20.02 11.12 1.52
CA ILE A 144 -19.10 12.11 2.16
C ILE A 144 -18.35 12.84 1.06
N ASN A 145 -17.88 12.11 0.05
CA ASN A 145 -17.12 12.72 -1.03
C ASN A 145 -17.18 11.83 -2.25
N PHE A 146 -17.08 12.46 -3.42
CA PHE A 146 -17.01 11.74 -4.69
C PHE A 146 -15.82 12.27 -5.45
N ILE A 147 -14.85 11.40 -5.73
CA ILE A 147 -13.54 11.81 -6.22
C ILE A 147 -13.34 11.16 -7.58
N GLU A 148 -13.63 11.92 -8.63
CA GLU A 148 -13.55 11.42 -10.00
C GLU A 148 -12.14 11.48 -10.56
N GLN A 149 -11.35 12.45 -10.12
CA GLN A 149 -10.08 12.77 -10.76
C GLN A 149 -8.87 12.24 -9.98
N ALA A 150 -9.06 11.23 -9.16
CA ALA A 150 -7.94 10.55 -8.55
C ALA A 150 -7.41 9.48 -9.48
N ARG A 151 -6.19 9.03 -9.21
CA ARG A 151 -5.64 7.86 -9.89
C ARG A 151 -6.64 6.71 -9.82
N VAL A 152 -7.19 6.47 -8.63
CA VAL A 152 -8.28 5.51 -8.43
C VAL A 152 -9.51 6.31 -8.03
N PRO A 153 -10.49 6.51 -8.90
CA PRO A 153 -11.71 7.21 -8.47
C PRO A 153 -12.42 6.44 -7.38
N ILE A 154 -12.91 7.17 -6.37
CA ILE A 154 -13.54 6.53 -5.23
C ILE A 154 -14.78 7.28 -4.77
N ILE A 155 -15.71 6.52 -4.19
CA ILE A 155 -16.84 7.07 -3.45
C ILE A 155 -16.49 6.94 -1.97
N LYS A 156 -16.48 8.08 -1.28
CA LYS A 156 -16.21 8.14 0.15
C LYS A 156 -17.57 8.26 0.85
N THR A 157 -17.93 7.27 1.65
CA THR A 157 -19.27 7.23 2.22
C THR A 157 -19.24 6.59 3.60
N CYS A 158 -20.01 7.14 4.53
CA CYS A 158 -20.10 6.62 5.88
C CYS A 158 -21.21 5.59 5.94
N HIS A 159 -20.87 4.36 6.34
CA HIS A 159 -21.85 3.32 6.61
C HIS A 159 -22.47 3.63 7.97
N LEU A 160 -23.63 4.26 7.96
CA LEU A 160 -24.21 4.79 9.20
C LEU A 160 -24.47 3.71 10.25
N PRO A 161 -24.90 2.50 9.92
CA PRO A 161 -25.15 1.52 10.99
C PRO A 161 -23.91 1.16 11.78
N THR A 162 -22.72 1.30 11.19
CA THR A 162 -21.48 1.00 11.88
C THR A 162 -20.62 2.22 12.16
N GLY A 163 -20.89 3.34 11.51
CA GLY A 163 -20.04 4.51 11.64
C GLY A 163 -18.72 4.42 10.92
N ILE A 164 -18.49 3.37 10.13
CA ILE A 164 -17.22 3.16 9.45
C ILE A 164 -17.24 3.89 8.11
N GLU A 165 -16.23 4.71 7.87
CA GLU A 165 -16.10 5.40 6.59
C GLU A 165 -15.52 4.43 5.57
N CYS A 166 -16.19 4.32 4.43
CA CYS A 166 -15.85 3.36 3.39
C CYS A 166 -15.40 4.07 2.13
N ASP A 167 -14.29 3.62 1.57
CA ASP A 167 -13.79 4.11 0.28
C ASP A 167 -14.04 3.02 -0.74
N ILE A 168 -14.91 3.31 -1.70
CA ILE A 168 -15.40 2.32 -2.66
C ILE A 168 -14.82 2.63 -4.03
N CYS A 169 -14.18 1.62 -4.64
CA CYS A 169 -13.51 1.79 -5.91
C CYS A 169 -13.86 0.61 -6.82
N LEU A 170 -13.47 0.72 -8.09
CA LEU A 170 -13.76 -0.28 -9.11
C LEU A 170 -12.48 -0.89 -9.67
N ASN A 171 -11.43 -0.91 -8.86
CA ASN A 171 -10.10 -1.34 -9.26
C ASN A 171 -9.68 -2.50 -8.37
N SER A 172 -9.33 -3.62 -9.00
CA SER A 172 -9.02 -4.86 -8.27
C SER A 172 -7.58 -4.93 -7.75
N MET A 173 -6.69 -4.03 -8.15
CA MET A 173 -5.28 -4.23 -7.84
C MET A 173 -5.02 -4.16 -6.34
N GLY A 174 -5.73 -3.28 -5.62
CA GLY A 174 -5.49 -3.16 -4.19
C GLY A 174 -5.78 -4.44 -3.43
N PHE A 175 -6.84 -5.15 -3.82
CA PHE A 175 -7.13 -6.44 -3.23
C PHE A 175 -5.97 -7.41 -3.44
N CYS A 176 -5.38 -7.39 -4.64
CA CYS A 176 -4.27 -8.29 -4.97
C CYS A 176 -3.03 -7.98 -4.13
N ASN A 177 -2.62 -6.72 -4.05
CA ASN A 177 -1.42 -6.44 -3.26
C ASN A 177 -1.70 -6.52 -1.77
N THR A 178 -2.97 -6.37 -1.37
CA THR A 178 -3.35 -6.64 0.02
C THR A 178 -3.08 -8.10 0.38
N ASN A 179 -3.39 -9.03 -0.51
CA ASN A 179 -3.14 -10.44 -0.19
C ASN A 179 -1.65 -10.73 -0.10
N LEU A 180 -0.83 -10.06 -0.92
CA LEU A 180 0.63 -10.19 -0.81
C LEU A 180 1.12 -9.65 0.52
N LEU A 181 0.65 -8.46 0.93
CA LEU A 181 1.10 -7.90 2.19
C LEU A 181 0.71 -8.79 3.37
N LYS A 182 -0.49 -9.40 3.31
CA LYS A 182 -0.89 -10.30 4.39
C LYS A 182 0.09 -11.44 4.53
N TYR A 183 0.42 -12.09 3.41
CA TYR A 183 1.42 -13.15 3.41
C TYR A 183 2.73 -12.69 4.01
N ILE A 184 3.20 -11.51 3.60
CA ILE A 184 4.46 -10.96 4.11
C ILE A 184 4.36 -10.70 5.60
N PHE A 185 3.31 -10.00 6.04
CA PHE A 185 3.16 -9.64 7.45
C PHE A 185 3.04 -10.88 8.33
N GLU A 186 2.26 -11.87 7.90
CA GLU A 186 2.07 -13.07 8.68
C GLU A 186 3.36 -13.88 8.76
N SER A 187 4.13 -13.93 7.67
CA SER A 187 5.36 -14.70 7.66
C SER A 187 6.46 -14.04 8.50
N GLN A 188 6.47 -12.71 8.53
CA GLN A 188 7.55 -11.94 9.16
C GLN A 188 6.92 -10.79 9.93
N PRO A 189 6.38 -11.06 11.11
CA PRO A 189 5.62 -10.03 11.83
C PRO A 189 6.38 -8.73 12.06
N LEU A 190 7.71 -8.77 12.20
CA LEU A 190 8.48 -7.54 12.29
C LEU A 190 8.05 -6.52 11.25
N THR A 191 7.77 -6.99 10.03
CA THR A 191 7.34 -6.09 8.96
C THR A 191 6.09 -5.32 9.36
N GLN A 192 5.13 -6.00 9.98
CA GLN A 192 3.86 -5.39 10.35
C GLN A 192 4.05 -4.35 11.45
N TYR A 193 4.87 -4.68 12.45
CA TYR A 193 5.17 -3.72 13.52
C TYR A 193 5.78 -2.46 12.94
N MET A 194 6.76 -2.63 12.05
CA MET A 194 7.45 -1.47 11.46
C MET A 194 6.49 -0.62 10.62
N CYS A 195 5.62 -1.25 9.84
CA CYS A 195 4.68 -0.48 9.03
C CYS A 195 3.71 0.30 9.92
N ILE A 196 3.24 -0.31 11.01
CA ILE A 196 2.41 0.42 11.96
C ILE A 196 3.16 1.65 12.46
N TYR A 197 4.42 1.45 12.85
CA TYR A 197 5.21 2.56 13.37
C TYR A 197 5.39 3.65 12.33
N VAL A 198 5.84 3.28 11.14
CA VAL A 198 6.18 4.30 10.17
C VAL A 198 4.93 4.98 9.66
N LYS A 199 3.80 4.26 9.62
CA LYS A 199 2.53 4.86 9.24
C LYS A 199 2.14 5.99 10.21
N ASN A 200 2.22 5.71 11.51
CA ASN A 200 1.94 6.75 12.51
C ASN A 200 2.94 7.89 12.41
N TRP A 201 4.22 7.55 12.19
CA TRP A 201 5.25 8.57 11.99
C TRP A 201 4.89 9.50 10.83
N LEU A 202 4.52 8.92 9.70
CA LEU A 202 4.14 9.73 8.54
C LEU A 202 3.01 10.69 8.88
N GLU A 203 1.99 10.21 9.60
CA GLU A 203 0.87 11.06 9.98
C GLU A 203 1.30 12.18 10.91
N ARG A 204 2.15 11.88 11.90
CA ARG A 204 2.64 12.91 12.81
C ARG A 204 3.54 13.90 12.10
N CYS A 205 4.26 13.47 11.08
CA CYS A 205 5.10 14.36 10.28
C CYS A 205 4.30 15.15 9.26
N LYS A 206 3.01 14.88 9.10
CA LYS A 206 2.18 15.56 8.13
C LYS A 206 2.73 15.42 6.71
N LEU A 207 3.19 14.22 6.38
CA LEU A 207 3.70 13.91 5.04
C LEU A 207 2.72 13.11 4.19
N THR A 208 1.53 12.83 4.73
CA THR A 208 0.58 11.94 4.05
C THR A 208 0.20 12.44 2.65
N GLU A 209 0.25 13.75 2.42
CA GLU A 209 -0.10 14.26 1.09
C GLU A 209 0.91 13.85 0.03
N GLN A 210 2.15 13.59 0.42
CA GLN A 210 3.21 13.23 -0.52
C GLN A 210 3.55 11.75 -0.47
N ILE A 211 3.71 11.19 0.72
CA ILE A 211 4.14 9.81 0.90
C ILE A 211 3.02 9.06 1.60
N SER A 212 2.36 8.18 0.87
CA SER A 212 1.19 7.40 1.34
C SER A 212 1.61 6.25 2.23
N THR A 213 0.69 5.81 3.07
CA THR A 213 0.88 4.61 3.87
C THR A 213 1.38 3.46 3.02
N TYR A 214 0.79 3.29 1.85
CA TYR A 214 1.14 2.17 0.96
C TYR A 214 2.58 2.32 0.49
N SER A 215 2.98 3.53 0.10
CA SER A 215 4.36 3.77 -0.35
C SER A 215 5.36 3.37 0.72
N ILE A 216 5.13 3.80 1.97
CA ILE A 216 6.08 3.50 3.02
C ILE A 216 6.03 2.04 3.40
N THR A 217 4.89 1.37 3.19
CA THR A 217 4.84 -0.07 3.40
C THR A 217 5.78 -0.81 2.44
N LEU A 218 5.77 -0.39 1.17
CA LEU A 218 6.68 -0.98 0.19
C LEU A 218 8.13 -0.67 0.53
N MET A 219 8.39 0.49 1.14
CA MET A 219 9.75 0.84 1.53
C MET A 219 10.22 0.00 2.70
N VAL A 220 9.33 -0.29 3.65
CA VAL A 220 9.68 -1.20 4.74
C VAL A 220 9.99 -2.58 4.17
N ILE A 221 9.13 -3.06 3.26
CA ILE A 221 9.34 -4.37 2.67
C ILE A 221 10.68 -4.42 1.95
N TYR A 222 10.95 -3.42 1.13
CA TYR A 222 12.23 -3.41 0.42
C TYR A 222 13.40 -3.36 1.39
N PHE A 223 13.31 -2.53 2.43
CA PHE A 223 14.42 -2.45 3.37
C PHE A 223 14.68 -3.79 4.03
N LEU A 224 13.62 -4.54 4.36
CA LEU A 224 13.81 -5.83 5.01
C LEU A 224 14.29 -6.89 4.03
N GLN A 225 13.90 -6.78 2.76
CA GLN A 225 14.50 -7.63 1.76
C GLN A 225 16.02 -7.49 1.76
N LEU A 226 16.51 -6.26 1.91
CA LEU A 226 17.96 -6.06 1.91
C LEU A 226 18.62 -6.59 3.18
N GLN A 227 17.86 -6.81 4.24
CA GLN A 227 18.37 -7.46 5.44
C GLN A 227 18.18 -8.98 5.39
N ALA A 228 17.82 -9.52 4.23
CA ALA A 228 17.63 -10.97 4.05
C ALA A 228 16.57 -11.51 4.99
N LEU A 229 15.50 -10.72 5.18
CA LEU A 229 14.39 -11.14 6.03
C LEU A 229 13.07 -11.22 5.26
N LEU A 230 13.05 -10.87 3.98
CA LEU A 230 11.89 -11.03 3.12
C LEU A 230 12.36 -11.41 1.73
N PRO A 231 11.55 -12.17 0.99
CA PRO A 231 11.93 -12.58 -0.36
C PRO A 231 11.67 -11.49 -1.37
N PRO A 232 12.48 -11.40 -2.42
CA PRO A 232 12.04 -10.67 -3.62
C PRO A 232 10.68 -11.18 -4.08
N ILE A 233 9.79 -10.28 -4.47
CA ILE A 233 8.48 -10.73 -4.93
C ILE A 233 8.63 -11.56 -6.19
N ALA A 234 9.60 -11.21 -7.03
CA ALA A 234 9.82 -12.00 -8.25
C ALA A 234 10.10 -13.46 -7.93
N MET A 235 10.74 -13.73 -6.79
CA MET A 235 11.03 -15.12 -6.44
C MET A 235 9.79 -15.87 -5.96
N LEU A 236 8.65 -15.20 -5.83
CA LEU A 236 7.40 -15.85 -5.51
C LEU A 236 6.51 -16.07 -6.74
N GLN A 237 6.96 -15.62 -7.91
CA GLN A 237 6.16 -15.66 -9.13
C GLN A 237 6.87 -16.43 -10.24
N ILE A 238 7.73 -17.37 -9.89
CA ILE A 238 8.37 -18.21 -10.90
C ILE A 238 7.29 -19.13 -11.46
N GLU A 239 6.97 -18.96 -12.75
CA GLU A 239 5.80 -19.62 -13.32
C GLU A 239 6.12 -21.04 -13.77
N ASP A 240 5.16 -21.95 -13.55
CA ASP A 240 5.27 -23.33 -13.99
C ASP A 240 4.10 -23.68 -14.93
N GLN A 244 0.53 -21.78 -11.79
CA GLN A 244 0.35 -21.00 -13.01
C GLN A 244 -0.07 -19.57 -12.67
N ALA A 245 0.09 -18.66 -13.63
CA ALA A 245 -0.10 -17.24 -13.36
C ALA A 245 -1.57 -16.85 -13.41
N VAL A 246 -1.96 -15.99 -12.48
CA VAL A 246 -3.25 -15.29 -12.52
C VAL A 246 -2.96 -13.83 -12.83
N LEU A 247 -3.64 -13.28 -13.82
CA LEU A 247 -3.27 -11.98 -14.35
C LEU A 247 -4.42 -10.98 -14.24
N VAL A 248 -4.06 -9.73 -14.00
CA VAL A 248 -4.92 -8.58 -14.21
C VAL A 248 -4.22 -7.75 -15.28
N GLY A 249 -4.78 -7.75 -16.50
CA GLY A 249 -4.06 -7.25 -17.64
C GLY A 249 -2.72 -7.96 -17.76
N PRO A 250 -1.63 -7.20 -17.85
CA PRO A 250 -0.31 -7.82 -17.94
C PRO A 250 0.32 -8.16 -16.60
N TRP A 251 -0.34 -7.87 -15.47
CA TRP A 251 0.29 -7.99 -14.16
C TRP A 251 0.01 -9.34 -13.54
N VAL A 252 1.05 -9.96 -12.99
CA VAL A 252 0.91 -11.23 -12.29
C VAL A 252 0.50 -10.94 -10.86
N VAL A 253 -0.75 -11.27 -10.51
CA VAL A 253 -1.31 -10.87 -9.23
C VAL A 253 -1.30 -11.98 -8.19
N ASN A 254 -1.03 -13.21 -8.58
CA ASN A 254 -0.88 -14.28 -7.61
C ASN A 254 0.60 -14.51 -7.31
N PHE A 255 0.87 -15.45 -6.41
CA PHE A 255 2.23 -15.72 -5.96
C PHE A 255 2.19 -17.00 -5.15
N ALA A 256 3.35 -17.66 -5.07
CA ALA A 256 3.47 -18.88 -4.27
C ALA A 256 3.67 -18.52 -2.81
N GLN A 257 2.82 -19.06 -1.94
CA GLN A 257 2.94 -18.82 -0.50
C GLN A 257 4.01 -19.76 0.06
N LYS A 258 5.25 -19.45 -0.30
CA LYS A 258 6.38 -20.27 0.08
C LYS A 258 6.64 -20.20 1.59
N SER A 259 7.05 -21.32 2.17
CA SER A 259 7.54 -21.29 3.53
C SER A 259 8.82 -20.49 3.57
N PHE A 260 8.94 -19.60 4.55
CA PHE A 260 10.20 -18.85 4.67
C PHE A 260 11.37 -19.80 4.93
N SER A 261 11.11 -20.92 5.61
CA SER A 261 12.19 -21.85 5.92
C SER A 261 12.78 -22.46 4.66
N GLU A 262 11.94 -22.79 3.67
CA GLU A 262 12.47 -23.31 2.42
C GLU A 262 13.18 -22.22 1.61
N LEU A 263 13.02 -20.96 1.98
CA LEU A 263 13.77 -19.87 1.38
C LEU A 263 14.97 -19.48 2.22
N GLY A 264 15.24 -20.19 3.31
CA GLY A 264 16.32 -19.83 4.18
C GLY A 264 16.12 -18.54 4.95
N LEU A 265 14.91 -18.01 4.96
CA LEU A 265 14.61 -16.75 5.64
C LEU A 265 14.16 -17.07 7.06
N GLN A 266 14.90 -16.59 8.04
CA GLN A 266 14.56 -16.83 9.43
C GLN A 266 13.47 -15.86 9.85
N GLN A 267 12.55 -16.35 10.68
CA GLN A 267 11.40 -15.57 11.10
C GLN A 267 11.67 -15.07 12.52
N LEU A 268 11.84 -13.77 12.67
CA LEU A 268 12.30 -13.20 13.91
C LEU A 268 11.15 -13.02 14.89
N LYS A 269 11.48 -13.18 16.17
CA LYS A 269 10.57 -12.76 17.24
C LYS A 269 10.69 -11.26 17.37
N ALA A 270 9.59 -10.54 17.18
CA ALA A 270 9.61 -9.09 17.26
C ALA A 270 9.61 -8.70 18.73
N THR A 271 10.71 -8.12 19.20
CA THR A 271 10.80 -7.52 20.52
C THR A 271 11.01 -6.02 20.37
N VAL A 272 10.68 -5.28 21.42
CA VAL A 272 10.89 -3.84 21.38
C VAL A 272 12.31 -3.48 20.96
N PRO A 273 13.35 -4.05 21.56
CA PRO A 273 14.71 -3.70 21.10
C PRO A 273 14.99 -4.11 19.67
N VAL A 274 14.46 -5.23 19.19
CA VAL A 274 14.67 -5.63 17.80
C VAL A 274 13.98 -4.65 16.86
N ILE A 275 12.73 -4.29 17.17
CA ILE A 275 12.00 -3.35 16.33
C ILE A 275 12.72 -2.01 16.32
N LYS A 276 13.19 -1.55 17.49
CA LYS A 276 13.84 -0.25 17.57
C LYS A 276 15.06 -0.20 16.67
N GLY A 277 15.91 -1.23 16.73
CA GLY A 277 17.12 -1.24 15.94
C GLY A 277 16.85 -1.24 14.44
N PHE A 278 15.89 -2.06 14.00
CA PHE A 278 15.56 -2.07 12.58
C PHE A 278 14.92 -0.75 12.14
N LEU A 279 14.12 -0.14 13.01
CA LEU A 279 13.57 1.17 12.69
C LEU A 279 14.68 2.20 12.56
N ARG A 280 15.65 2.19 13.48
CA ARG A 280 16.76 3.13 13.39
C ARG A 280 17.47 2.98 12.06
N ASN A 281 17.80 1.74 11.68
CA ASN A 281 18.50 1.51 10.42
C ASN A 281 17.61 1.82 9.22
N PHE A 282 16.31 1.60 9.34
CA PHE A 282 15.39 1.95 8.26
C PHE A 282 15.45 3.44 7.96
N PHE A 283 15.37 4.27 9.01
CA PHE A 283 15.36 5.71 8.79
C PHE A 283 16.72 6.19 8.29
N ALA A 284 17.80 5.65 8.85
CA ALA A 284 19.13 6.02 8.38
C ALA A 284 19.32 5.60 6.93
N TYR A 285 18.76 4.46 6.54
CA TYR A 285 18.90 4.00 5.17
C TYR A 285 18.22 4.96 4.20
N PHE A 286 16.98 5.34 4.49
CA PHE A 286 16.30 6.24 3.55
C PHE A 286 16.73 7.68 3.71
N ALA A 287 17.39 8.03 4.82
CA ALA A 287 18.02 9.35 4.90
C ALA A 287 19.19 9.47 3.92
N LYS A 288 19.91 8.38 3.66
CA LYS A 288 21.10 8.41 2.81
C LYS A 288 20.88 7.80 1.44
N PHE A 289 19.69 7.29 1.16
CA PHE A 289 19.38 6.69 -0.14
C PHE A 289 19.64 7.68 -1.27
N ASP A 290 20.16 7.18 -2.40
CA ASP A 290 20.40 8.02 -3.58
C ASP A 290 19.17 7.93 -4.48
N TYR A 291 18.27 8.90 -4.36
CA TYR A 291 17.02 8.89 -5.11
C TYR A 291 17.19 9.33 -6.55
N GLU A 292 18.33 9.96 -6.88
CA GLU A 292 18.59 10.37 -8.26
C GLU A 292 18.88 9.18 -9.17
N HIS A 293 19.55 8.15 -8.64
CA HIS A 293 20.00 7.04 -9.48
C HIS A 293 19.33 5.71 -9.20
N PHE A 294 18.75 5.53 -8.01
CA PHE A 294 18.21 4.24 -7.60
C PHE A 294 16.75 4.37 -7.22
N LEU A 295 16.06 3.22 -7.25
CA LEU A 295 14.65 3.14 -6.92
C LEU A 295 14.43 2.08 -5.86
N VAL A 296 13.37 2.25 -5.08
CA VAL A 296 12.92 1.23 -4.14
C VAL A 296 12.17 0.18 -4.94
N CYS A 297 12.66 -1.07 -4.91
CA CYS A 297 12.23 -2.10 -5.86
C CYS A 297 11.95 -3.43 -5.17
N PRO A 298 10.83 -3.54 -4.46
CA PRO A 298 10.52 -4.83 -3.82
C PRO A 298 10.31 -5.98 -4.79
N TYR A 299 10.07 -5.72 -6.08
CA TYR A 299 10.00 -6.81 -7.04
C TYR A 299 11.34 -7.53 -7.14
N ILE A 300 12.42 -6.77 -7.32
CA ILE A 300 13.74 -7.37 -7.44
C ILE A 300 14.31 -7.73 -6.07
N GLY A 301 14.06 -6.89 -5.07
CA GLY A 301 14.47 -7.20 -3.71
C GLY A 301 15.95 -7.23 -3.47
N GLN A 302 16.72 -6.47 -4.25
CA GLN A 302 18.16 -6.41 -4.13
C GLN A 302 18.59 -4.97 -3.98
N ALA A 303 19.77 -4.77 -3.40
CA ALA A 303 20.27 -3.43 -3.19
C ALA A 303 20.62 -2.77 -4.52
N ASN A 304 20.66 -1.43 -4.51
CA ASN A 304 21.19 -0.63 -5.59
C ASN A 304 20.60 -1.02 -6.95
N VAL A 305 19.28 -0.94 -7.05
CA VAL A 305 18.58 -1.16 -8.32
C VAL A 305 18.52 0.18 -9.05
N GLU A 306 19.18 0.25 -10.20
CA GLU A 306 19.35 1.51 -10.92
C GLU A 306 18.12 1.88 -11.72
N ILE A 307 17.72 3.15 -11.61
CA ILE A 307 16.66 3.68 -12.44
C ILE A 307 16.95 3.44 -13.91
N ALA A 308 18.21 3.65 -14.31
CA ALA A 308 18.55 3.54 -15.73
C ALA A 308 18.47 2.10 -16.25
N LYS A 309 18.37 1.10 -15.38
CA LYS A 309 18.41 -0.28 -15.81
C LYS A 309 17.13 -1.05 -15.50
N ILE A 310 16.24 -0.55 -14.64
CA ILE A 310 15.16 -1.38 -14.12
C ILE A 310 14.30 -1.92 -15.26
N GLU A 311 14.01 -1.10 -16.27
CA GLU A 311 13.04 -1.52 -17.28
C GLU A 311 13.52 -2.71 -18.10
N ARG A 312 14.82 -2.94 -18.20
CA ARG A 312 15.34 -4.11 -18.87
C ARG A 312 15.43 -5.33 -17.95
N MET A 313 15.37 -5.12 -16.64
CA MET A 313 15.40 -6.22 -15.68
C MET A 313 14.02 -6.79 -15.40
N LEU A 314 12.96 -6.16 -15.89
CA LEU A 314 11.62 -6.68 -15.70
C LEU A 314 11.32 -7.72 -16.77
N HIS A 315 10.36 -8.59 -16.46
CA HIS A 315 10.21 -9.82 -17.22
C HIS A 315 9.40 -9.58 -18.50
N ALA A 316 9.15 -10.68 -19.22
CA ALA A 316 8.65 -10.58 -20.60
C ALA A 316 7.30 -9.88 -20.66
N ARG A 317 6.44 -10.10 -19.68
CA ARG A 317 5.12 -9.49 -19.70
C ARG A 317 5.21 -7.97 -19.63
N TYR A 318 6.03 -7.43 -18.72
CA TYR A 318 6.26 -6.00 -18.70
C TYR A 318 6.87 -5.53 -20.02
N SER A 319 7.92 -6.21 -20.49
CA SER A 319 8.58 -5.84 -21.72
C SER A 319 7.61 -5.79 -22.89
N ALA A 320 6.80 -6.84 -23.04
CA ALA A 320 5.83 -6.88 -24.13
C ALA A 320 4.80 -5.78 -23.99
N TYR A 321 4.37 -5.50 -22.75
CA TYR A 321 3.35 -4.49 -22.52
C TYR A 321 3.83 -3.11 -22.96
N VAL A 322 5.00 -2.69 -22.49
CA VAL A 322 5.48 -1.35 -22.81
C VAL A 322 5.98 -1.26 -24.25
N SER A 323 6.38 -2.38 -24.86
CA SER A 323 6.72 -2.36 -26.28
C SER A 323 5.51 -1.92 -27.10
N ASP A 324 4.36 -2.57 -26.89
CA ASP A 324 3.15 -2.20 -27.62
C ASP A 324 2.52 -0.93 -27.07
N ASN A 325 2.75 -0.61 -25.80
CA ASN A 325 2.16 0.57 -25.16
C ASN A 325 3.26 1.34 -24.42
N PRO A 326 4.15 2.00 -25.16
CA PRO A 326 5.24 2.75 -24.51
C PRO A 326 4.77 3.81 -23.55
N GLU A 327 3.59 4.40 -23.80
CA GLU A 327 3.07 5.45 -22.94
C GLU A 327 2.71 4.95 -21.54
N CYS A 328 2.67 3.64 -21.33
CA CYS A 328 2.26 3.08 -20.05
C CYS A 328 3.44 2.58 -19.22
N SER A 329 4.66 2.94 -19.59
CA SER A 329 5.81 2.47 -18.82
C SER A 329 5.89 3.23 -17.50
N ILE A 330 6.67 2.67 -16.57
CA ILE A 330 6.80 3.29 -15.26
C ILE A 330 7.41 4.68 -15.41
N GLN A 331 6.93 5.61 -14.59
CA GLN A 331 7.40 6.99 -14.64
C GLN A 331 8.67 7.09 -13.80
N LEU A 332 9.82 7.14 -14.49
CA LEU A 332 11.13 7.15 -13.85
C LEU A 332 11.73 8.54 -13.69
N LYS A 333 11.22 9.55 -14.40
CA LYS A 333 11.80 10.89 -14.37
C LYS A 333 11.09 11.73 -13.30
N LYS A 334 11.27 11.29 -12.06
CA LYS A 334 10.60 11.86 -10.89
C LYS A 334 11.57 11.87 -9.72
N PRO A 335 11.42 12.81 -8.78
CA PRO A 335 12.37 12.85 -7.66
C PRO A 335 12.49 11.53 -6.90
N MET A 336 11.39 10.81 -6.71
CA MET A 336 11.35 9.62 -5.86
C MET A 336 10.66 8.51 -6.61
N VAL A 337 11.33 7.37 -6.74
CA VAL A 337 10.80 6.21 -7.46
C VAL A 337 10.68 5.03 -6.50
N VAL A 338 9.45 4.61 -6.26
CA VAL A 338 9.13 3.42 -5.49
C VAL A 338 8.19 2.60 -6.37
N GLN A 339 8.65 1.45 -6.83
CA GLN A 339 7.90 0.66 -7.81
C GLN A 339 7.01 -0.36 -7.10
N ASP A 340 5.73 -0.36 -7.48
CA ASP A 340 4.80 -1.38 -7.01
C ASP A 340 5.27 -2.75 -7.48
N PRO A 341 5.27 -3.77 -6.62
CA PRO A 341 5.86 -5.06 -7.02
C PRO A 341 4.96 -5.93 -7.86
N ILE A 342 3.69 -5.55 -8.02
CA ILE A 342 2.76 -6.24 -8.88
C ILE A 342 2.39 -5.41 -10.10
N GLN A 343 1.95 -4.16 -9.89
CA GLN A 343 1.68 -3.25 -11.01
C GLN A 343 3.01 -2.56 -11.31
N LEU A 344 3.84 -3.28 -12.06
CA LEU A 344 5.24 -2.91 -12.25
C LEU A 344 5.42 -1.58 -12.98
N ASN A 345 4.37 -1.07 -13.60
CA ASN A 345 4.46 0.22 -14.29
C ASN A 345 4.06 1.39 -13.39
N HIS A 346 3.89 1.11 -12.11
CA HIS A 346 3.39 2.14 -11.17
C HIS A 346 4.51 2.64 -10.25
N ASN A 347 4.92 3.89 -10.39
CA ASN A 347 5.85 4.53 -9.44
C ASN A 347 4.89 5.11 -8.40
N VAL A 348 4.74 4.49 -7.24
CA VAL A 348 3.74 4.91 -6.22
C VAL A 348 4.05 6.31 -5.67
N THR A 349 5.31 6.74 -5.69
CA THR A 349 5.75 8.06 -5.19
C THR A 349 5.87 9.04 -6.36
N LYS A 350 5.26 8.81 -7.52
CA LYS A 350 5.45 9.71 -8.65
C LYS A 350 5.01 11.14 -8.33
N ALA A 351 4.16 11.34 -7.33
CA ALA A 351 3.69 12.68 -6.99
C ALA A 351 4.63 13.44 -6.06
N VAL A 352 5.60 12.76 -5.45
CA VAL A 352 6.49 13.42 -4.51
C VAL A 352 7.32 14.47 -5.24
N THR A 353 7.34 15.67 -4.69
CA THR A 353 8.10 16.77 -5.27
C THR A 353 9.54 16.78 -4.76
N LYS A 354 10.38 17.60 -5.40
CA LYS A 354 11.75 17.77 -4.94
C LYS A 354 11.79 18.14 -3.46
N TYR A 355 10.92 19.07 -3.04
CA TYR A 355 10.91 19.51 -1.66
C TYR A 355 10.23 18.51 -0.74
N GLY A 356 9.19 17.82 -1.21
CA GLY A 356 8.62 16.74 -0.44
C GLY A 356 9.63 15.66 -0.11
N LEU A 357 10.46 15.30 -1.10
CA LEU A 357 11.53 14.35 -0.87
C LEU A 357 12.55 14.91 0.11
N GLN A 358 12.95 16.17 -0.06
CA GLN A 358 13.88 16.76 0.88
C GLN A 358 13.32 16.68 2.30
N THR A 359 12.04 17.01 2.46
CA THR A 359 11.42 16.98 3.78
C THR A 359 11.45 15.57 4.35
N PHE A 360 11.07 14.58 3.54
CA PHE A 360 11.11 13.19 3.98
C PHE A 360 12.51 12.79 4.42
N VAL A 361 13.52 13.12 3.61
CA VAL A 361 14.89 12.75 3.93
C VAL A 361 15.35 13.44 5.21
N ASP A 362 15.04 14.72 5.36
CA ASP A 362 15.42 15.43 6.57
C ASP A 362 14.78 14.80 7.79
N TYR A 363 13.49 14.44 7.69
CA TYR A 363 12.83 13.81 8.83
C TYR A 363 13.43 12.45 9.14
N CYS A 364 13.76 11.67 8.11
CA CYS A 364 14.43 10.39 8.35
C CYS A 364 15.73 10.59 9.09
N GLN A 365 16.53 11.59 8.71
CA GLN A 365 17.81 11.83 9.37
C GLN A 365 17.61 12.15 10.85
N GLN A 366 16.73 13.10 11.15
CA GLN A 366 16.51 13.49 12.54
C GLN A 366 15.90 12.35 13.34
N THR A 367 15.03 11.56 12.71
CA THR A 367 14.43 10.43 13.41
C THR A 367 15.50 9.40 13.78
N ALA A 368 16.38 9.08 12.82
CA ALA A 368 17.46 8.14 13.11
C ALA A 368 18.33 8.64 14.26
N GLU A 369 18.67 9.94 14.26
CA GLU A 369 19.44 10.49 15.37
C GLU A 369 18.73 10.25 16.70
N LEU A 370 17.41 10.47 16.73
CA LEU A 370 16.66 10.33 17.99
C LEU A 370 16.56 8.89 18.44
N LEU A 371 16.64 7.94 17.51
CA LEU A 371 16.58 6.53 17.84
C LEU A 371 17.95 5.96 18.23
N GLU A 372 19.00 6.77 18.23
CA GLU A 372 20.35 6.26 18.52
C GLU A 372 20.47 5.82 19.97
N GLU A 373 21.28 4.80 20.20
CA GLU A 373 21.56 4.31 21.54
C GLU A 373 22.81 4.99 22.12
#